data_5VD9
#
_entry.id   5VD9
#
_cell.length_a   50.370
_cell.length_b   44.590
_cell.length_c   64.590
_cell.angle_alpha   90.000
_cell.angle_beta   102.140
_cell.angle_gamma   90.000
#
_symmetry.space_group_name_H-M   'P 1 21 1'
#
loop_
_entity.id
_entity.type
_entity.pdbx_description
1 polymer 'Wee1-like protein kinase'
2 non-polymer 1-{6-[(1R)-1-hydroxyethyl]pyridin-2-yl}-6-{[4-(4-methylpiperazin-1-yl)phenyl]amino}-2-(prop-2-en-1-yl)-1,2-dihydro-3H-pyrazolo[3,4-d]pyrimidin-3-one
3 non-polymer 'CHLORIDE ION'
4 non-polymer 1,2-ETHANEDIOL
5 water water
#
_entity_poly.entity_id   1
_entity_poly.type   'polypeptide(L)'
_entity_poly.pdbx_seq_one_letter_code
;GAGSMKSRYTTEFHELEKIGSGEFGSVFKCVKRLDGCIYAIKRSKKPLAGSVDEQNALREVYAHAVLGQHSHVVRYFSAW
AEDDHMLIQNEYCNGGSLADAISENYRIMSYFKEAELKDLLLQVGRGLRYIHSMSLVHMDIKPSNIFISRTSIPNAASEE
GDEDDWASNKVMFKIGDLGHVTRISSPQVEEGDSRFLANEVLQENYTHLPKADIFALALTVVCAAGAEPLPRNGDQWHEI
RQGRLPRIPQVLSQEFTELLKVMIHPDPERRPSAMALVKHSVLLSASRK
;
_entity_poly.pdbx_strand_id   A
#
# COMPACT_ATOMS: atom_id res chain seq x y z
N LYS A 6 12.25 -0.87 31.74
CA LYS A 6 11.28 0.00 32.36
C LYS A 6 10.45 0.69 31.29
N SER A 7 10.25 0.01 30.18
CA SER A 7 9.52 0.59 29.08
C SER A 7 8.17 -0.03 28.86
N ARG A 8 7.29 0.76 28.27
CA ARG A 8 5.97 0.33 27.91
C ARG A 8 6.07 -0.80 26.91
N TYR A 9 6.99 -0.68 25.97
CA TYR A 9 7.18 -1.70 24.96
C TYR A 9 7.45 -3.04 25.63
N THR A 10 8.49 -3.06 26.44
CA THR A 10 8.89 -4.25 27.22
C THR A 10 7.76 -4.71 28.14
N THR A 11 7.07 -3.74 28.74
CA THR A 11 6.10 -4.03 29.77
C THR A 11 4.87 -4.70 29.21
N GLU A 12 4.32 -4.11 28.15
CA GLU A 12 3.07 -4.60 27.58
C GLU A 12 3.25 -5.72 26.55
N PHE A 13 4.44 -5.85 25.95
CA PHE A 13 4.65 -6.80 24.86
C PHE A 13 5.87 -7.65 25.08
N HIS A 14 5.84 -8.85 24.52
CA HIS A 14 7.01 -9.71 24.41
C HIS A 14 7.36 -9.88 22.95
N GLU A 15 8.61 -9.59 22.64
CA GLU A 15 9.07 -9.46 21.26
C GLU A 15 9.44 -10.83 20.70
N LEU A 16 8.80 -11.23 19.61
CA LEU A 16 8.99 -12.60 19.09
C LEU A 16 9.97 -12.81 17.93
N GLU A 17 10.10 -11.83 17.04
CA GLU A 17 10.80 -12.05 15.80
C GLU A 17 10.87 -10.71 15.10
N LYS A 18 12.02 -10.33 14.57
CA LYS A 18 12.07 -9.15 13.70
C LYS A 18 11.54 -9.53 12.31
N ILE A 19 10.52 -8.79 11.86
CA ILE A 19 9.90 -9.08 10.55
C ILE A 19 10.15 -7.98 9.51
N GLY A 20 10.78 -6.89 9.89
CA GLY A 20 11.18 -5.87 8.92
C GLY A 20 12.27 -4.96 9.45
N SER A 21 13.02 -4.36 8.52
CA SER A 21 14.10 -3.40 8.80
C SER A 21 14.34 -2.55 7.55
N GLY A 22 14.74 -1.30 7.76
CA GLY A 22 15.04 -0.39 6.66
C GLY A 22 15.33 0.99 7.23
N GLU A 23 15.35 2.01 6.39
CA GLU A 23 15.56 3.36 6.90
C GLU A 23 14.41 3.79 7.83
N PHE A 24 13.25 3.13 7.69
CA PHE A 24 12.11 3.37 8.58
C PHE A 24 12.31 2.84 10.02
N GLY A 25 13.35 2.03 10.25
CA GLY A 25 13.58 1.41 11.55
C GLY A 25 13.41 -0.10 11.54
N SER A 26 12.79 -0.65 12.58
CA SER A 26 12.55 -2.10 12.71
C SER A 26 11.08 -2.41 12.98
N VAL A 27 10.60 -3.55 12.49
CA VAL A 27 9.26 -4.02 12.82
C VAL A 27 9.42 -5.39 13.45
N PHE A 28 8.68 -5.61 14.53
CA PHE A 28 8.70 -6.82 15.30
C PHE A 28 7.32 -7.41 15.41
N LYS A 29 7.27 -8.71 15.18
CA LYS A 29 6.17 -9.52 15.64
C LYS A 29 6.21 -9.61 17.17
N CYS A 30 5.14 -9.24 17.87
CA CYS A 30 5.10 -9.19 19.35
C CYS A 30 3.81 -9.80 19.83
N VAL A 31 3.83 -10.44 21.01
CA VAL A 31 2.63 -10.84 21.73
C VAL A 31 2.31 -9.80 22.76
N LYS A 32 1.05 -9.37 22.81
CA LYS A 32 0.68 -8.52 23.92
C LYS A 32 0.32 -9.38 25.12
N ARG A 33 0.93 -9.05 26.27
CA ARG A 33 0.77 -9.92 27.44
C ARG A 33 -0.68 -9.99 27.88
N LEU A 34 -1.36 -8.86 27.91
CA LEU A 34 -2.64 -8.83 28.56
C LEU A 34 -3.69 -9.61 27.77
N ASP A 35 -3.61 -9.61 26.45
CA ASP A 35 -4.62 -10.28 25.64
C ASP A 35 -4.12 -11.46 24.84
N GLY A 36 -2.81 -11.63 24.72
CA GLY A 36 -2.27 -12.84 24.09
C GLY A 36 -2.33 -12.80 22.57
N CYS A 37 -2.68 -11.64 22.06
CA CYS A 37 -2.73 -11.44 20.62
C CYS A 37 -1.39 -11.00 20.08
N ILE A 38 -1.22 -11.16 18.78
CA ILE A 38 0.00 -10.87 18.05
C ILE A 38 -0.21 -9.55 17.31
N TYR A 39 0.81 -8.69 17.34
CA TYR A 39 0.78 -7.38 16.72
C TYR A 39 2.08 -7.14 15.98
N ALA A 40 2.06 -6.26 14.97
CA ALA A 40 3.25 -5.82 14.27
C ALA A 40 3.56 -4.48 14.88
N ILE A 41 4.72 -4.37 15.52
CA ILE A 41 5.11 -3.10 16.18
C ILE A 41 6.35 -2.49 15.50
N LYS A 42 6.19 -1.28 14.98
CA LYS A 42 7.28 -0.58 14.33
C LYS A 42 7.99 0.27 15.35
N ARG A 43 9.31 0.15 15.39
CA ARG A 43 10.10 0.89 16.35
C ARG A 43 11.13 1.68 15.52
N SER A 44 11.15 2.98 15.70
CA SER A 44 12.00 3.85 14.91
C SER A 44 12.59 4.93 15.81
N LYS A 45 13.71 5.52 15.41
CA LYS A 45 14.24 6.63 16.18
C LYS A 45 13.32 7.82 15.96
N LYS A 46 13.09 8.63 16.98
CA LYS A 46 12.22 9.79 16.80
C LYS A 46 12.83 10.70 15.77
N PRO A 47 12.06 11.06 14.74
CA PRO A 47 12.64 11.95 13.71
C PRO A 47 12.97 13.32 14.23
N LEU A 48 14.00 13.91 13.63
CA LEU A 48 14.32 15.29 13.88
C LEU A 48 13.11 16.17 13.60
N ALA A 49 12.84 17.13 14.48
CA ALA A 49 11.72 18.03 14.29
C ALA A 49 11.82 18.80 12.96
N GLY A 50 10.68 19.07 12.33
CA GLY A 50 10.65 19.78 11.07
C GLY A 50 11.26 19.04 9.90
N SER A 51 11.48 17.74 10.08
CA SER A 51 12.08 16.91 9.04
C SER A 51 11.02 16.18 8.20
N VAL A 52 11.45 15.63 7.07
CA VAL A 52 10.56 14.87 6.20
C VAL A 52 10.07 13.67 7.00
N ASP A 53 11.01 13.02 7.67
CA ASP A 53 10.69 11.87 8.50
C ASP A 53 9.59 12.23 9.48
N GLU A 54 9.67 13.42 10.06
CA GLU A 54 8.61 13.86 10.96
C GLU A 54 7.30 14.08 10.20
N GLN A 55 7.38 14.67 9.01
CA GLN A 55 6.17 14.96 8.25
C GLN A 55 5.50 13.65 7.95
N ASN A 56 6.29 12.71 7.45
CA ASN A 56 5.86 11.36 7.20
C ASN A 56 5.21 10.72 8.43
N ALA A 57 5.85 10.78 9.59
CA ALA A 57 5.28 10.20 10.79
C ALA A 57 3.97 10.88 11.20
N LEU A 58 3.87 12.17 10.95
CA LEU A 58 2.64 12.91 11.28
C LEU A 58 1.48 12.50 10.34
N ARG A 59 1.76 12.38 9.05
CA ARG A 59 0.75 11.88 8.10
C ARG A 59 0.15 10.59 8.64
N GLU A 60 0.98 9.63 9.12
CA GLU A 60 0.42 8.37 9.64
C GLU A 60 -0.41 8.49 10.95
N VAL A 61 0.00 9.28 11.92
CA VAL A 61 -0.81 9.32 13.15
C VAL A 61 -2.18 9.92 12.87
N TYR A 62 -2.20 10.93 12.03
CA TYR A 62 -3.44 11.59 11.77
C TYR A 62 -4.35 10.84 10.75
N ALA A 63 -3.77 10.01 9.89
CA ALA A 63 -4.59 9.05 9.14
C ALA A 63 -5.37 8.11 10.08
N HIS A 64 -4.70 7.55 11.06
CA HIS A 64 -5.38 6.76 12.08
C HIS A 64 -6.48 7.57 12.77
N ALA A 65 -6.16 8.78 13.22
CA ALA A 65 -7.15 9.68 13.84
C ALA A 65 -8.46 9.74 13.06
N VAL A 66 -8.33 9.73 11.74
CA VAL A 66 -9.47 9.87 10.85
C VAL A 66 -10.15 8.55 10.50
N LEU A 67 -9.37 7.49 10.24
CA LEU A 67 -9.90 6.33 9.52
C LEU A 67 -10.67 5.28 10.36
N GLY A 68 -10.20 4.94 11.56
CA GLY A 68 -10.90 3.90 12.29
C GLY A 68 -10.59 2.50 11.77
N GLN A 69 -11.61 1.69 11.50
CA GLN A 69 -11.43 0.25 11.24
C GLN A 69 -12.09 -0.21 9.93
N HIS A 70 -11.32 -0.91 9.09
CA HIS A 70 -11.85 -1.45 7.84
C HIS A 70 -11.15 -2.75 7.49
N SER A 71 -11.88 -3.68 6.88
CA SER A 71 -11.35 -5.01 6.66
C SER A 71 -10.23 -5.10 5.62
N HIS A 72 -10.04 -4.04 4.82
CA HIS A 72 -8.95 -4.00 3.87
C HIS A 72 -7.97 -2.90 4.14
N VAL A 73 -7.94 -2.46 5.38
CA VAL A 73 -6.88 -1.57 5.86
C VAL A 73 -6.28 -2.20 7.14
N VAL A 74 -4.97 -2.19 7.22
CA VAL A 74 -4.29 -2.74 8.39
C VAL A 74 -4.74 -1.92 9.60
N ARG A 75 -5.33 -2.58 10.58
CA ARG A 75 -5.84 -1.89 11.78
C ARG A 75 -4.68 -1.28 12.56
N TYR A 76 -4.90 -0.10 13.09
CA TYR A 76 -3.95 0.64 13.92
C TYR A 76 -4.48 0.57 15.32
N PHE A 77 -3.65 0.24 16.30
CA PHE A 77 -4.14 0.13 17.65
C PHE A 77 -3.64 1.27 18.53
N SER A 78 -2.35 1.58 18.47
CA SER A 78 -1.79 2.54 19.40
C SER A 78 -0.45 3.03 18.87
N ALA A 79 -0.02 4.18 19.35
CA ALA A 79 1.26 4.78 19.02
C ALA A 79 1.81 5.54 20.19
N TRP A 80 3.09 5.40 20.46
CA TRP A 80 3.70 6.13 21.54
C TRP A 80 5.18 6.39 21.37
N ALA A 81 5.72 7.21 22.24
CA ALA A 81 7.12 7.53 22.19
C ALA A 81 7.76 7.26 23.49
N GLU A 82 8.95 6.71 23.45
CA GLU A 82 9.70 6.45 24.64
C GLU A 82 11.17 6.40 24.28
N ASP A 83 12.03 6.75 25.22
CA ASP A 83 13.46 6.82 24.96
C ASP A 83 13.57 7.90 23.90
N ASP A 84 14.29 7.66 22.84
CA ASP A 84 14.39 8.60 21.75
C ASP A 84 13.67 7.98 20.53
N HIS A 85 12.76 7.07 20.82
CA HIS A 85 12.04 6.34 19.82
C HIS A 85 10.53 6.46 19.77
N MET A 86 9.97 6.19 18.61
CA MET A 86 8.55 6.15 18.37
C MET A 86 8.12 4.70 18.12
N LEU A 87 7.02 4.29 18.69
CA LEU A 87 6.44 2.97 18.45
C LEU A 87 5.00 3.01 17.94
N ILE A 88 4.74 2.20 16.94
CA ILE A 88 3.42 2.09 16.32
C ILE A 88 2.96 0.64 16.37
N GLN A 89 1.82 0.40 17.00
CA GLN A 89 1.27 -0.94 17.15
C GLN A 89 0.10 -1.22 16.19
N ASN A 90 0.37 -2.09 15.23
CA ASN A 90 -0.62 -2.51 14.24
C ASN A 90 -1.00 -3.97 14.29
N GLU A 91 -2.11 -4.24 13.62
CA GLU A 91 -2.53 -5.58 13.29
C GLU A 91 -1.37 -6.40 12.68
N TYR A 92 -1.21 -7.65 13.08
CA TYR A 92 -0.27 -8.55 12.41
C TYR A 92 -1.00 -9.40 11.38
N CYS A 93 -0.53 -9.25 10.14
CA CYS A 93 -1.04 -10.02 9.01
C CYS A 93 -0.07 -11.16 8.79
N ASN A 94 -0.55 -12.37 8.98
CA ASN A 94 0.31 -13.55 9.07
C ASN A 94 0.87 -14.02 7.76
N GLY A 95 0.44 -13.41 6.67
CA GLY A 95 0.91 -13.75 5.35
C GLY A 95 1.95 -12.80 4.81
N GLY A 96 2.37 -11.81 5.60
CA GLY A 96 3.46 -10.96 5.22
C GLY A 96 2.95 -9.99 4.15
N SER A 97 3.85 -9.43 3.38
CA SER A 97 3.39 -8.43 2.37
C SER A 97 3.22 -9.09 1.03
N LEU A 98 2.51 -8.41 0.14
CA LEU A 98 2.37 -8.88 -1.23
C LEU A 98 3.74 -8.96 -1.89
N ALA A 99 4.62 -8.03 -1.56
CA ALA A 99 5.97 -8.05 -2.11
C ALA A 99 6.71 -9.39 -1.83
N ASP A 100 6.57 -9.84 -0.58
CA ASP A 100 7.14 -11.11 -0.13
C ASP A 100 6.57 -12.30 -0.90
N ALA A 101 5.26 -12.32 -1.06
CA ALA A 101 4.57 -13.35 -1.77
C ALA A 101 5.01 -13.43 -3.25
N ILE A 102 5.19 -12.26 -3.88
CA ILE A 102 5.68 -12.15 -5.23
C ILE A 102 7.08 -12.69 -5.30
N SER A 103 7.95 -12.31 -4.36
CA SER A 103 9.32 -12.87 -4.37
C SER A 103 9.25 -14.35 -4.27
N GLU A 104 8.32 -14.84 -3.45
CA GLU A 104 8.28 -16.28 -3.14
C GLU A 104 7.76 -17.04 -4.33
N ASN A 105 6.80 -16.47 -5.05
CA ASN A 105 6.33 -17.06 -6.32
C ASN A 105 7.43 -17.17 -7.35
N TYR A 106 8.19 -16.10 -7.45
CA TYR A 106 9.32 -16.02 -8.33
C TYR A 106 10.37 -17.07 -7.89
N ARG A 107 10.44 -17.47 -6.62
CA ARG A 107 11.43 -18.49 -6.13
C ARG A 107 11.07 -19.97 -6.34
N ILE A 108 9.87 -20.38 -5.91
CA ILE A 108 9.45 -21.78 -6.02
C ILE A 108 8.64 -22.00 -7.30
N MET A 109 8.73 -21.01 -8.19
CA MET A 109 7.92 -20.90 -9.38
C MET A 109 6.47 -21.34 -9.17
N SER A 110 5.74 -20.49 -8.43
CA SER A 110 4.28 -20.48 -8.45
C SER A 110 3.93 -19.20 -9.22
N TYR A 111 2.73 -18.66 -9.04
CA TYR A 111 2.28 -17.46 -9.79
C TYR A 111 0.91 -16.94 -9.36
N PHE A 112 0.60 -15.67 -9.64
CA PHE A 112 -0.77 -15.24 -9.37
C PHE A 112 -1.60 -15.32 -10.63
N LYS A 113 -2.57 -16.23 -10.55
CA LYS A 113 -3.48 -16.54 -11.65
C LYS A 113 -4.31 -15.33 -12.05
N GLU A 114 -5.02 -15.42 -13.16
CA GLU A 114 -5.94 -14.36 -13.54
C GLU A 114 -6.93 -14.11 -12.42
N ALA A 115 -7.55 -15.19 -11.93
CA ALA A 115 -8.58 -15.06 -10.91
C ALA A 115 -8.06 -14.40 -9.66
N GLU A 116 -6.90 -14.85 -9.22
CA GLU A 116 -6.36 -14.34 -7.97
C GLU A 116 -5.93 -12.89 -8.18
N LEU A 117 -5.57 -12.51 -9.40
CA LEU A 117 -5.22 -11.13 -9.66
C LEU A 117 -6.45 -10.22 -9.54
N LYS A 118 -7.61 -10.70 -9.99
CA LYS A 118 -8.88 -9.94 -9.92
C LYS A 118 -9.33 -9.81 -8.46
N ASP A 119 -9.10 -10.85 -7.69
CA ASP A 119 -9.39 -10.80 -6.25
C ASP A 119 -8.54 -9.76 -5.53
N LEU A 120 -7.24 -9.74 -5.83
CA LEU A 120 -6.34 -8.71 -5.30
C LEU A 120 -6.87 -7.31 -5.65
N LEU A 121 -7.23 -7.12 -6.91
CA LEU A 121 -7.66 -5.79 -7.38
C LEU A 121 -8.91 -5.31 -6.66
N LEU A 122 -9.88 -6.20 -6.53
CA LEU A 122 -11.13 -5.89 -5.87
C LEU A 122 -10.90 -5.54 -4.41
N GLN A 123 -10.23 -6.41 -3.69
CA GLN A 123 -9.97 -6.18 -2.26
C GLN A 123 -9.19 -4.92 -1.93
N VAL A 124 -8.06 -4.71 -2.59
CA VAL A 124 -7.39 -3.42 -2.43
C VAL A 124 -8.26 -2.25 -2.89
N GLY A 125 -9.05 -2.46 -3.92
CA GLY A 125 -9.99 -1.43 -4.39
C GLY A 125 -11.00 -1.00 -3.31
N ARG A 126 -11.50 -1.97 -2.58
CA ARG A 126 -12.44 -1.71 -1.48
C ARG A 126 -11.80 -0.88 -0.36
N GLY A 127 -10.53 -1.18 -0.09
CA GLY A 127 -9.75 -0.43 0.87
C GLY A 127 -9.58 1.03 0.44
N LEU A 128 -9.20 1.22 -0.81
CA LEU A 128 -9.08 2.56 -1.41
C LEU A 128 -10.39 3.33 -1.43
N ARG A 129 -11.46 2.62 -1.75
CA ARG A 129 -12.75 3.24 -1.82
C ARG A 129 -13.04 3.78 -0.46
N TYR A 130 -12.74 3.01 0.58
CA TYR A 130 -12.95 3.51 1.94
C TYR A 130 -12.07 4.76 2.28
N ILE A 131 -10.78 4.67 2.02
CA ILE A 131 -9.89 5.80 2.30
C ILE A 131 -10.34 7.05 1.54
N HIS A 132 -10.72 6.89 0.28
CA HIS A 132 -11.10 8.03 -0.56
C HIS A 132 -12.38 8.68 -0.06
N SER A 133 -13.28 7.87 0.46
CA SER A 133 -14.56 8.38 0.93
C SER A 133 -14.36 9.21 2.21
N MET A 134 -13.27 9.00 2.90
CA MET A 134 -12.91 9.81 4.06
C MET A 134 -12.08 11.03 3.67
N SER A 135 -12.06 11.32 2.39
CA SER A 135 -11.34 12.47 1.84
C SER A 135 -9.84 12.39 1.99
N LEU A 136 -9.29 11.17 2.05
CA LEU A 136 -7.87 10.92 2.07
C LEU A 136 -7.40 10.11 0.84
N VAL A 137 -6.11 10.11 0.61
CA VAL A 137 -5.47 9.36 -0.42
C VAL A 137 -4.25 8.73 0.15
N HIS A 138 -3.90 7.55 -0.35
CA HIS A 138 -2.83 6.80 0.30
C HIS A 138 -1.45 7.24 -0.17
N MET A 139 -1.33 7.43 -1.48
CA MET A 139 -0.15 7.98 -2.14
C MET A 139 1.12 7.13 -2.07
N ASP A 140 1.01 5.92 -1.58
CA ASP A 140 2.15 4.99 -1.69
C ASP A 140 1.70 3.54 -1.87
N ILE A 141 0.75 3.33 -2.74
CA ILE A 141 0.33 2.00 -3.04
C ILE A 141 1.42 1.25 -3.84
N LYS A 142 1.81 0.09 -3.35
CA LYS A 142 2.76 -0.77 -4.04
C LYS A 142 2.75 -2.11 -3.25
N PRO A 143 3.30 -3.19 -3.84
CA PRO A 143 3.28 -4.50 -3.12
C PRO A 143 3.76 -4.52 -1.67
N SER A 144 4.82 -3.78 -1.36
CA SER A 144 5.42 -3.82 -0.04
C SER A 144 4.52 -3.19 1.03
N ASN A 145 3.48 -2.48 0.59
CA ASN A 145 2.52 -1.83 1.48
C ASN A 145 1.15 -2.47 1.47
N ILE A 146 1.04 -3.61 0.79
CA ILE A 146 -0.15 -4.45 0.83
C ILE A 146 0.20 -5.70 1.68
N PHE A 147 -0.64 -6.00 2.66
CA PHE A 147 -0.38 -7.11 3.58
C PHE A 147 -1.43 -8.18 3.45
N ILE A 148 -1.09 -9.41 3.82
CA ILE A 148 -1.91 -10.54 3.56
C ILE A 148 -2.23 -11.27 4.87
N SER A 149 -3.52 -11.52 5.08
CA SER A 149 -3.98 -12.40 6.17
C SER A 149 -4.60 -13.68 5.64
N ARG A 150 -4.25 -14.83 6.22
CA ARG A 150 -4.76 -16.11 5.75
C ARG A 150 -5.71 -16.70 6.78
N LYS A 170 -9.83 -17.63 1.11
CA LYS A 170 -9.30 -17.75 2.46
C LYS A 170 -8.31 -16.62 2.76
N VAL A 171 -8.27 -15.61 1.89
CA VAL A 171 -7.21 -14.60 1.92
C VAL A 171 -7.74 -13.18 1.91
N MET A 172 -7.24 -12.35 2.82
CA MET A 172 -7.57 -10.92 2.87
C MET A 172 -6.38 -10.05 2.58
N PHE A 173 -6.54 -9.09 1.66
CA PHE A 173 -5.50 -8.12 1.41
C PHE A 173 -5.88 -6.81 2.10
N LYS A 174 -4.88 -6.20 2.71
CA LYS A 174 -5.05 -5.04 3.54
C LYS A 174 -3.98 -4.01 3.20
N ILE A 175 -4.42 -2.77 3.11
CA ILE A 175 -3.53 -1.69 2.82
C ILE A 175 -2.85 -1.21 4.10
N GLY A 176 -1.53 -1.13 4.11
CA GLY A 176 -0.84 -0.54 5.25
C GLY A 176 0.13 0.57 4.85
N ASP A 177 0.94 1.00 5.82
CA ASP A 177 2.03 1.99 5.62
C ASP A 177 1.39 3.33 5.16
N LEU A 178 0.76 3.99 6.12
CA LEU A 178 -0.01 5.22 5.85
C LEU A 178 0.79 6.53 5.98
N GLY A 179 2.11 6.44 5.90
CA GLY A 179 2.98 7.57 6.09
C GLY A 179 2.96 8.62 4.99
N HIS A 180 2.35 8.30 3.85
CA HIS A 180 2.19 9.26 2.76
C HIS A 180 0.76 9.78 2.62
N VAL A 181 -0.11 9.36 3.53
CA VAL A 181 -1.52 9.64 3.40
C VAL A 181 -1.71 11.12 3.52
N THR A 182 -2.54 11.67 2.66
CA THR A 182 -2.78 13.11 2.71
C THR A 182 -4.21 13.42 2.30
N ARG A 183 -4.61 14.69 2.46
CA ARG A 183 -5.98 15.05 2.17
C ARG A 183 -6.19 15.20 0.66
N ILE A 184 -7.41 14.96 0.19
CA ILE A 184 -7.74 15.25 -1.22
C ILE A 184 -7.57 16.76 -1.45
N SER A 185 -8.04 17.55 -0.47
CA SER A 185 -8.02 19.01 -0.54
C SER A 185 -7.00 19.60 0.42
N SER A 186 -6.06 20.36 -0.14
CA SER A 186 -4.88 20.84 0.60
C SER A 186 -3.93 19.69 0.91
N PRO A 187 -3.51 18.95 -0.13
CA PRO A 187 -2.70 17.75 0.12
C PRO A 187 -1.24 18.09 0.44
N GLN A 188 -0.71 17.47 1.49
CA GLN A 188 0.71 17.56 1.78
C GLN A 188 1.40 16.40 1.07
N VAL A 189 1.84 16.65 -0.16
CA VAL A 189 2.25 15.53 -1.00
C VAL A 189 3.74 15.21 -0.91
N GLU A 190 4.03 14.15 -0.17
CA GLU A 190 5.30 13.46 -0.26
C GLU A 190 5.11 12.40 -1.34
N GLU A 191 5.89 12.51 -2.39
CA GLU A 191 5.73 11.65 -3.54
C GLU A 191 6.08 10.23 -3.16
N GLY A 192 5.27 9.28 -3.61
CA GLY A 192 5.52 7.89 -3.35
C GLY A 192 6.67 7.40 -4.21
N ASP A 193 6.93 6.11 -4.09
CA ASP A 193 7.89 5.37 -4.91
C ASP A 193 7.77 5.74 -6.40
N SER A 194 8.86 6.18 -7.00
CA SER A 194 8.84 6.60 -8.39
C SER A 194 8.35 5.51 -9.36
N ARG A 195 8.48 4.25 -8.96
CA ARG A 195 8.10 3.15 -9.84
C ARG A 195 6.59 3.09 -10.07
N PHE A 196 5.82 3.67 -9.14
CA PHE A 196 4.37 3.48 -9.11
C PHE A 196 3.67 4.81 -9.26
N LEU A 197 4.48 5.85 -9.42
CA LEU A 197 4.05 7.22 -9.38
C LEU A 197 3.48 7.69 -10.72
N ALA A 198 2.26 8.22 -10.72
CA ALA A 198 1.64 8.79 -11.94
C ALA A 198 2.28 10.11 -12.37
N ASN A 199 2.37 10.36 -13.69
CA ASN A 199 3.04 11.54 -14.20
C ASN A 199 2.47 12.84 -13.65
N GLU A 200 1.16 12.88 -13.44
CA GLU A 200 0.54 14.14 -13.12
C GLU A 200 0.94 14.56 -11.73
N VAL A 201 1.22 13.55 -10.90
CA VAL A 201 1.76 13.85 -9.59
C VAL A 201 3.18 14.37 -9.68
N LEU A 202 4.00 13.79 -10.54
CA LEU A 202 5.36 14.28 -10.77
C LEU A 202 5.30 15.72 -11.33
N GLN A 203 4.23 16.00 -12.05
CA GLN A 203 4.05 17.32 -12.70
C GLN A 203 3.41 18.35 -11.75
N GLU A 204 3.29 17.97 -10.47
CA GLU A 204 2.77 18.83 -9.41
C GLU A 204 1.31 19.22 -9.61
N ASN A 205 0.57 18.34 -10.27
CA ASN A 205 -0.88 18.40 -10.41
C ASN A 205 -1.59 17.51 -9.39
N TYR A 206 -2.11 18.13 -8.35
CA TYR A 206 -2.73 17.37 -7.26
C TYR A 206 -4.23 17.55 -7.23
N THR A 207 -4.84 17.80 -8.38
CA THR A 207 -6.29 17.99 -8.42
C THR A 207 -7.11 16.71 -8.53
N HIS A 208 -6.46 15.60 -8.82
CA HIS A 208 -7.12 14.31 -8.77
C HIS A 208 -6.29 13.19 -8.10
N LEU A 209 -5.75 13.44 -6.92
CA LEU A 209 -4.89 12.48 -6.26
C LEU A 209 -5.49 11.06 -6.14
N PRO A 210 -6.80 10.94 -5.90
CA PRO A 210 -7.34 9.56 -5.79
C PRO A 210 -7.00 8.68 -6.99
N LYS A 211 -7.03 9.30 -8.16
CA LYS A 211 -6.67 8.63 -9.38
C LYS A 211 -5.21 8.23 -9.46
N ALA A 212 -4.33 8.86 -8.69
CA ALA A 212 -2.94 8.38 -8.58
C ALA A 212 -2.83 7.06 -7.81
N ASP A 213 -3.69 6.89 -6.80
CA ASP A 213 -3.78 5.61 -6.07
C ASP A 213 -4.26 4.52 -7.04
N ILE A 214 -5.17 4.92 -7.93
CA ILE A 214 -5.67 3.96 -8.93
C ILE A 214 -4.57 3.48 -9.89
N PHE A 215 -3.81 4.42 -10.42
CA PHE A 215 -2.67 4.14 -11.28
C PHE A 215 -1.72 3.15 -10.54
N ALA A 216 -1.40 3.47 -9.32
CA ALA A 216 -0.44 2.65 -8.55
C ALA A 216 -0.94 1.24 -8.29
N LEU A 217 -2.23 1.11 -8.10
CA LEU A 217 -2.82 -0.19 -7.83
C LEU A 217 -2.73 -1.07 -9.06
N ALA A 218 -2.95 -0.45 -10.21
CA ALA A 218 -2.85 -1.21 -11.44
C ALA A 218 -1.45 -1.76 -11.61
N LEU A 219 -0.45 -0.92 -11.39
CA LEU A 219 0.92 -1.41 -11.53
C LEU A 219 1.24 -2.46 -10.45
N THR A 220 0.57 -2.32 -9.30
CA THR A 220 0.74 -3.33 -8.24
C THR A 220 0.21 -4.71 -8.66
N VAL A 221 -0.88 -4.70 -9.43
CA VAL A 221 -1.46 -5.95 -9.89
C VAL A 221 -0.57 -6.51 -10.97
N VAL A 222 -0.05 -5.61 -11.81
CA VAL A 222 0.85 -6.06 -12.87
C VAL A 222 2.08 -6.77 -12.25
N CYS A 223 2.59 -6.24 -11.12
CA CYS A 223 3.71 -6.89 -10.44
C CYS A 223 3.31 -8.27 -10.01
N ALA A 224 2.16 -8.37 -9.39
CA ALA A 224 1.70 -9.66 -8.87
C ALA A 224 1.54 -10.65 -10.01
N ALA A 225 1.25 -10.15 -11.20
CA ALA A 225 0.99 -11.00 -12.35
C ALA A 225 2.31 -11.51 -12.97
N GLY A 226 3.44 -11.09 -12.40
CA GLY A 226 4.74 -11.55 -12.87
C GLY A 226 5.58 -10.63 -13.75
N ALA A 227 5.21 -9.36 -13.88
CA ALA A 227 6.01 -8.46 -14.71
C ALA A 227 7.43 -8.34 -14.19
N GLU A 228 8.33 -7.92 -15.08
CA GLU A 228 9.70 -7.62 -14.71
C GLU A 228 9.71 -6.40 -13.79
N PRO A 229 10.84 -6.17 -13.08
CA PRO A 229 10.96 -5.05 -12.14
C PRO A 229 10.60 -3.76 -12.82
N LEU A 230 9.78 -2.92 -12.21
CA LEU A 230 9.32 -1.72 -12.88
C LEU A 230 10.44 -0.70 -13.01
N PRO A 231 10.44 0.08 -14.10
CA PRO A 231 11.42 1.15 -14.29
C PRO A 231 11.28 2.28 -13.28
N ARG A 232 12.42 2.79 -12.80
CA ARG A 232 12.45 3.86 -11.81
C ARG A 232 12.52 5.23 -12.52
N ASN A 233 13.02 5.21 -13.75
CA ASN A 233 13.05 6.39 -14.60
C ASN A 233 13.61 6.01 -15.97
N GLY A 234 13.80 7.00 -16.84
CA GLY A 234 14.27 6.75 -18.18
C GLY A 234 13.13 6.42 -19.13
N ASP A 235 13.48 5.96 -20.32
CA ASP A 235 12.53 5.72 -21.40
C ASP A 235 11.40 4.79 -21.03
N GLN A 236 11.71 3.68 -20.39
CA GLN A 236 10.71 2.66 -20.11
C GLN A 236 9.68 3.18 -19.11
N TRP A 237 10.14 3.98 -18.16
CA TRP A 237 9.26 4.69 -17.21
C TRP A 237 8.24 5.57 -17.96
N HIS A 238 8.71 6.37 -18.91
CA HIS A 238 7.82 7.27 -19.64
C HIS A 238 6.83 6.48 -20.50
N GLU A 239 7.27 5.37 -21.06
CA GLU A 239 6.42 4.59 -21.94
C GLU A 239 5.19 4.09 -21.19
N ILE A 240 5.38 3.75 -19.92
CA ILE A 240 4.26 3.32 -19.09
C ILE A 240 3.26 4.46 -18.88
N ARG A 241 3.74 5.64 -18.54
CA ARG A 241 2.84 6.78 -18.26
C ARG A 241 2.18 7.25 -19.58
N GLN A 242 2.63 6.72 -20.71
CA GLN A 242 1.93 6.96 -21.98
C GLN A 242 0.68 6.08 -22.07
N GLY A 243 0.50 5.19 -21.10
CA GLY A 243 -0.65 4.32 -21.05
C GLY A 243 -0.35 2.89 -21.45
N ARG A 244 0.92 2.57 -21.69
CA ARG A 244 1.32 1.20 -22.09
C ARG A 244 1.70 0.30 -20.89
N LEU A 245 1.04 -0.85 -20.81
CA LEU A 245 1.19 -1.78 -19.67
C LEU A 245 2.53 -2.51 -19.78
N PRO A 246 3.25 -2.69 -18.65
CA PRO A 246 4.47 -3.48 -18.84
C PRO A 246 4.15 -4.89 -19.32
N ARG A 247 5.09 -5.54 -20.00
CA ARG A 247 4.92 -6.90 -20.45
C ARG A 247 4.66 -7.86 -19.28
N ILE A 248 3.73 -8.77 -19.53
CA ILE A 248 3.27 -9.82 -18.63
C ILE A 248 3.96 -11.12 -19.06
N PRO A 249 3.90 -12.20 -18.24
CA PRO A 249 4.31 -13.51 -18.76
C PRO A 249 3.17 -14.48 -19.01
N GLN A 250 1.96 -14.11 -18.60
CA GLN A 250 0.82 -15.00 -18.77
C GLN A 250 -0.41 -14.43 -19.44
N VAL A 251 -1.35 -15.36 -19.66
CA VAL A 251 -2.61 -15.21 -20.39
C VAL A 251 -3.71 -14.45 -19.62
N LEU A 252 -3.71 -13.12 -19.76
CA LEU A 252 -4.82 -12.34 -19.22
C LEU A 252 -5.82 -12.06 -20.32
N SER A 253 -7.09 -12.18 -19.97
CA SER A 253 -8.19 -11.87 -20.85
C SER A 253 -8.06 -10.44 -21.39
N GLN A 254 -8.58 -10.24 -22.61
CA GLN A 254 -8.55 -8.92 -23.23
C GLN A 254 -9.26 -7.90 -22.35
N GLU A 255 -10.25 -8.34 -21.58
CA GLU A 255 -11.13 -7.41 -20.88
C GLU A 255 -10.54 -7.05 -19.52
N PHE A 256 -9.77 -7.94 -18.97
CA PHE A 256 -9.07 -7.60 -17.72
C PHE A 256 -7.90 -6.70 -18.07
N THR A 257 -7.18 -7.06 -19.10
CA THR A 257 -6.12 -6.23 -19.68
C THR A 257 -6.60 -4.80 -19.99
N GLU A 258 -7.79 -4.66 -20.55
CA GLU A 258 -8.30 -3.34 -20.89
C GLU A 258 -8.56 -2.56 -19.60
N LEU A 259 -9.02 -3.25 -18.57
CA LEU A 259 -9.33 -2.60 -17.32
C LEU A 259 -8.02 -2.07 -16.70
N LEU A 260 -6.96 -2.87 -16.77
CA LEU A 260 -5.68 -2.44 -16.26
C LEU A 260 -5.11 -1.29 -17.08
N LYS A 261 -5.35 -1.31 -18.38
CA LYS A 261 -4.83 -0.27 -19.26
C LYS A 261 -5.48 1.06 -18.91
N VAL A 262 -6.78 1.04 -18.66
CA VAL A 262 -7.49 2.29 -18.49
C VAL A 262 -7.14 2.83 -17.10
N MET A 263 -6.74 1.95 -16.16
CA MET A 263 -6.32 2.41 -14.87
C MET A 263 -4.99 3.17 -14.94
N ILE A 264 -4.23 2.99 -16.04
CA ILE A 264 -2.98 3.75 -16.18
C ILE A 264 -3.07 4.74 -17.36
N HIS A 265 -4.28 5.15 -17.66
CA HIS A 265 -4.52 6.14 -18.73
C HIS A 265 -3.79 7.47 -18.39
N PRO A 266 -3.12 8.08 -19.38
CA PRO A 266 -2.45 9.37 -19.19
C PRO A 266 -3.37 10.42 -18.55
N ASP A 267 -4.66 10.39 -18.89
CA ASP A 267 -5.67 11.32 -18.33
C ASP A 267 -6.25 10.74 -17.05
N PRO A 268 -5.94 11.35 -15.90
CA PRO A 268 -6.40 10.69 -14.69
C PRO A 268 -7.91 10.69 -14.57
N GLU A 269 -8.62 11.57 -15.29
CA GLU A 269 -10.06 11.61 -15.20
C GLU A 269 -10.66 10.41 -15.97
N ARG A 270 -9.84 9.78 -16.81
CA ARG A 270 -10.29 8.64 -17.58
C ARG A 270 -10.16 7.33 -16.78
N ARG A 271 -9.36 7.40 -15.72
CA ARG A 271 -9.20 6.29 -14.82
C ARG A 271 -10.46 6.18 -13.94
N PRO A 272 -10.86 4.94 -13.63
CA PRO A 272 -12.00 4.76 -12.74
C PRO A 272 -11.68 5.20 -11.34
N SER A 273 -12.69 5.74 -10.66
CA SER A 273 -12.60 5.91 -9.21
C SER A 273 -12.60 4.55 -8.53
N ALA A 274 -12.33 4.57 -7.23
CA ALA A 274 -12.32 3.34 -6.47
C ALA A 274 -13.72 2.79 -6.48
N MET A 275 -14.71 3.68 -6.39
CA MET A 275 -16.06 3.17 -6.37
C MET A 275 -16.45 2.51 -7.70
N ALA A 276 -16.08 3.11 -8.83
CA ALA A 276 -16.38 2.49 -10.11
C ALA A 276 -15.58 1.18 -10.30
N LEU A 277 -14.38 1.14 -9.73
CA LEU A 277 -13.55 -0.07 -9.78
C LEU A 277 -14.24 -1.30 -9.18
N VAL A 278 -14.65 -1.18 -7.92
CA VAL A 278 -15.23 -2.31 -7.22
C VAL A 278 -16.62 -2.71 -7.69
N LYS A 279 -17.23 -1.94 -8.61
CA LYS A 279 -18.52 -2.29 -9.21
C LYS A 279 -18.38 -2.76 -10.68
N HIS A 280 -17.14 -2.89 -11.14
CA HIS A 280 -16.86 -3.27 -12.51
C HIS A 280 -17.16 -4.75 -12.74
N SER A 281 -17.69 -5.05 -13.93
CA SER A 281 -18.17 -6.40 -14.21
C SER A 281 -17.06 -7.42 -14.21
N VAL A 282 -15.86 -7.00 -14.62
CA VAL A 282 -14.78 -7.98 -14.71
C VAL A 282 -14.44 -8.48 -13.30
N LEU A 283 -14.60 -7.61 -12.31
CA LEU A 283 -14.30 -7.99 -10.93
C LEU A 283 -15.46 -8.64 -10.20
N LEU A 284 -16.70 -8.35 -10.60
CA LEU A 284 -17.82 -9.02 -9.99
C LEU A 284 -17.63 -10.52 -10.22
N SER A 285 -17.28 -11.22 -9.14
CA SER A 285 -16.85 -12.62 -9.17
C SER A 285 -16.25 -12.99 -7.81
#